data_3KSG
#
_entry.id   3KSG
#
_cell.length_a   41.582
_cell.length_b   87.492
_cell.length_c   42.862
_cell.angle_alpha   90.00
_cell.angle_beta   101.25
_cell.angle_gamma   90.00
#
_symmetry.space_group_name_H-M   'P 1 21 1'
#
loop_
_entity.id
_entity.type
_entity.pdbx_description
1 polymer 'Putative uncharacterized protein'
2 non-polymer 'METHIONINE SULFOXIDE'
3 water water
#
_entity_poly.entity_id   1
_entity_poly.type   'polypeptide(L)'
_entity_poly.pdbx_seq_one_letter_code
;HHHHHHMTTINPTNYTLLKKQAASLIEDEHHMIAILSNMSALLNDNLDQINWVGFYLLEQNELILGPFQGHPASVHIPIG
KGVCGTAVSERRTQVVADVHQFKGHIACDANSKSEIVVPIFKDDKIIGVLDIDAPITDRFDDNDKEHLEAIVKIIEKQLA
;
_entity_poly.pdbx_strand_id   A,B
#
# COMPACT_ATOMS: atom_id res chain seq x y z
N THR A 8 19.61 -14.44 -10.63
CA THR A 8 20.38 -15.18 -9.59
C THR A 8 21.14 -14.23 -8.66
N THR A 9 21.67 -13.15 -9.22
CA THR A 9 22.42 -12.19 -8.44
C THR A 9 21.52 -11.15 -7.79
N ILE A 10 22.04 -10.53 -6.73
CA ILE A 10 21.31 -9.53 -5.98
C ILE A 10 22.05 -8.20 -6.12
N ASN A 11 21.41 -7.22 -6.74
CA ASN A 11 22.04 -5.92 -6.89
C ASN A 11 22.17 -5.28 -5.52
N PRO A 12 23.40 -4.85 -5.16
CA PRO A 12 23.67 -4.22 -3.86
C PRO A 12 22.62 -3.16 -3.52
N THR A 13 22.33 -3.01 -2.24
CA THR A 13 21.37 -2.01 -1.83
C THR A 13 22.13 -1.00 -0.97
N ASN A 14 22.02 0.27 -1.31
CA ASN A 14 22.71 1.32 -0.56
C ASN A 14 21.94 1.69 0.69
N TYR A 15 22.07 0.88 1.74
CA TYR A 15 21.37 1.12 2.99
C TYR A 15 21.71 2.47 3.62
N THR A 16 22.92 2.95 3.34
CA THR A 16 23.33 4.23 3.90
C THR A 16 22.39 5.32 3.38
N LEU A 17 22.18 5.32 2.08
CA LEU A 17 21.30 6.28 1.44
C LEU A 17 19.85 6.01 1.87
N LEU A 18 19.42 4.77 1.67
CA LEU A 18 18.07 4.35 2.01
C LEU A 18 17.64 4.88 3.38
N LYS A 19 18.52 4.76 4.38
CA LYS A 19 18.18 5.23 5.72
C LYS A 19 18.01 6.75 5.78
N LYS A 20 18.70 7.47 4.90
CA LYS A 20 18.61 8.91 4.88
C LYS A 20 17.28 9.32 4.26
N GLN A 21 16.97 8.70 3.13
CA GLN A 21 15.72 8.98 2.44
C GLN A 21 14.55 8.60 3.34
N ALA A 22 14.70 7.50 4.08
CA ALA A 22 13.66 7.00 4.98
C ALA A 22 13.34 8.02 6.06
N ALA A 23 14.35 8.34 6.86
CA ALA A 23 14.21 9.31 7.94
C ALA A 23 13.68 10.64 7.39
N SER A 24 14.22 11.06 6.26
CA SER A 24 13.81 12.31 5.64
C SER A 24 12.39 12.20 5.11
N LEU A 25 12.08 11.07 4.49
CA LEU A 25 10.75 10.83 3.92
C LEU A 25 9.65 10.97 4.95
N ILE A 26 9.87 10.43 6.15
CA ILE A 26 8.85 10.51 7.19
C ILE A 26 9.14 11.51 8.29
N GLU A 27 9.93 12.53 7.96
CA GLU A 27 10.26 13.58 8.91
C GLU A 27 9.00 14.40 9.15
N ASP A 28 8.79 14.83 10.39
CA ASP A 28 7.62 15.65 10.71
C ASP A 28 6.25 15.00 10.56
N GLU A 29 6.19 13.70 10.31
CA GLU A 29 4.90 13.00 10.18
C GLU A 29 4.68 12.09 11.37
N HIS A 30 3.44 11.93 11.77
CA HIS A 30 3.14 11.05 12.89
C HIS A 30 1.98 10.11 12.62
N HIS A 31 1.31 10.29 11.48
CA HIS A 31 0.17 9.44 11.12
C HIS A 31 0.66 8.07 10.65
N MET A 32 0.47 7.05 11.51
CA MET A 32 0.95 5.70 11.23
C MET A 32 0.69 5.14 9.83
N ILE A 33 -0.57 5.17 9.38
CA ILE A 33 -0.92 4.64 8.06
C ILE A 33 -0.19 5.38 6.93
N ALA A 34 -0.06 6.69 7.04
CA ALA A 34 0.62 7.46 6.02
C ALA A 34 2.08 7.03 5.99
N ILE A 35 2.68 6.94 7.17
CA ILE A 35 4.08 6.54 7.29
C ILE A 35 4.30 5.13 6.76
N LEU A 36 3.45 4.19 7.18
CA LEU A 36 3.58 2.81 6.73
C LEU A 36 3.43 2.71 5.22
N SER A 37 2.52 3.48 4.66
CA SER A 37 2.29 3.46 3.23
C SER A 37 3.49 4.00 2.45
N ASN A 38 3.94 5.20 2.78
CA ASN A 38 5.08 5.74 2.06
C ASN A 38 6.33 4.91 2.28
N MET A 39 6.46 4.30 3.46
CA MET A 39 7.63 3.46 3.75
C MET A 39 7.68 2.19 2.92
N SER A 40 6.53 1.55 2.73
CA SER A 40 6.52 0.32 1.94
C SER A 40 6.89 0.66 0.48
N ALA A 41 6.55 1.87 0.06
CA ALA A 41 6.88 2.30 -1.29
C ALA A 41 8.39 2.51 -1.41
N LEU A 42 8.96 3.21 -0.44
CA LEU A 42 10.39 3.49 -0.45
C LEU A 42 11.19 2.19 -0.47
N LEU A 43 10.85 1.28 0.44
CA LEU A 43 11.53 0.01 0.50
C LEU A 43 11.42 -0.69 -0.85
N ASN A 44 10.22 -0.71 -1.40
CA ASN A 44 9.98 -1.36 -2.68
C ASN A 44 10.83 -0.79 -3.82
N ASP A 45 11.02 0.52 -3.83
CA ASP A 45 11.81 1.14 -4.90
C ASP A 45 13.31 0.97 -4.69
N ASN A 46 13.71 0.54 -3.50
CA ASN A 46 15.13 0.39 -3.19
C ASN A 46 15.64 -0.99 -2.81
N LEU A 47 14.86 -2.03 -3.08
CA LEU A 47 15.27 -3.38 -2.74
C LEU A 47 15.07 -4.28 -3.95
N ASP A 48 16.17 -4.78 -4.48
CA ASP A 48 16.10 -5.67 -5.63
C ASP A 48 15.88 -7.09 -5.13
N GLN A 49 15.28 -7.92 -5.99
CA GLN A 49 15.06 -9.31 -5.67
C GLN A 49 14.15 -9.57 -4.47
N ILE A 50 12.92 -9.04 -4.54
CA ILE A 50 11.91 -9.22 -3.51
C ILE A 50 10.57 -9.18 -4.26
N ASN A 51 9.53 -9.81 -3.71
CA ASN A 51 8.25 -9.79 -4.40
C ASN A 51 7.09 -9.20 -3.58
N TRP A 52 7.33 -8.93 -2.31
CA TRP A 52 6.30 -8.36 -1.44
C TRP A 52 6.96 -7.59 -0.29
N VAL A 53 6.44 -6.44 0.04
CA VAL A 53 7.00 -5.66 1.14
C VAL A 53 5.84 -4.89 1.74
N GLY A 54 5.63 -5.06 3.04
CA GLY A 54 4.52 -4.38 3.68
C GLY A 54 4.44 -4.56 5.18
N PHE A 55 3.31 -4.17 5.73
CA PHE A 55 3.13 -4.25 7.18
C PHE A 55 1.84 -4.91 7.56
N TYR A 56 1.83 -5.47 8.75
CA TYR A 56 0.64 -6.08 9.33
C TYR A 56 0.50 -5.37 10.66
N LEU A 57 -0.73 -5.08 11.06
CA LEU A 57 -0.98 -4.39 12.32
C LEU A 57 -1.52 -5.34 13.40
N LEU A 58 -0.99 -5.19 14.61
CA LEU A 58 -1.43 -5.99 15.72
C LEU A 58 -2.71 -5.35 16.25
N GLU A 59 -3.83 -6.04 16.06
CA GLU A 59 -5.14 -5.56 16.52
C GLU A 59 -6.00 -6.68 17.08
N GLN A 60 -6.49 -6.48 18.30
CA GLN A 60 -7.33 -7.45 18.97
C GLN A 60 -6.72 -8.84 18.94
N ASN A 61 -5.50 -8.98 19.47
CA ASN A 61 -4.84 -10.27 19.55
C ASN A 61 -4.52 -10.94 18.20
N GLU A 62 -4.20 -10.16 17.18
CA GLU A 62 -3.85 -10.76 15.89
C GLU A 62 -3.31 -9.75 14.86
N LEU A 63 -2.60 -10.26 13.87
CA LEU A 63 -2.04 -9.42 12.81
C LEU A 63 -3.04 -9.27 11.67
N ILE A 64 -3.35 -8.02 11.32
CA ILE A 64 -4.28 -7.72 10.25
C ILE A 64 -3.53 -6.90 9.21
N LEU A 65 -3.68 -7.29 7.94
CA LEU A 65 -3.00 -6.64 6.83
C LEU A 65 -3.00 -5.11 6.86
N GLY A 66 -1.82 -4.55 6.57
CA GLY A 66 -1.66 -3.12 6.52
C GLY A 66 -1.06 -2.74 5.15
N PRO A 67 -0.64 -1.47 4.97
CA PRO A 67 -0.07 -0.98 3.71
C PRO A 67 1.08 -1.84 3.20
N PHE A 68 1.12 -2.03 1.89
CA PHE A 68 2.19 -2.83 1.29
C PHE A 68 2.27 -2.60 -0.22
N GLN A 69 3.31 -3.16 -0.84
CA GLN A 69 3.52 -3.10 -2.28
C GLN A 69 3.64 -4.55 -2.75
N GLY A 70 2.82 -4.94 -3.71
CA GLY A 70 2.87 -6.29 -4.23
C GLY A 70 1.48 -6.77 -4.55
N HIS A 71 1.30 -8.08 -4.75
CA HIS A 71 -0.03 -8.61 -5.04
C HIS A 71 -0.87 -8.75 -3.76
N PRO A 72 -2.18 -9.00 -3.90
CA PRO A 72 -3.02 -9.14 -2.70
C PRO A 72 -2.53 -10.24 -1.73
N ALA A 73 -2.62 -9.96 -0.45
CA ALA A 73 -2.17 -10.89 0.56
C ALA A 73 -3.27 -11.24 1.57
N SER A 74 -3.03 -12.31 2.33
CA SER A 74 -3.96 -12.80 3.35
C SER A 74 -4.15 -11.68 4.37
N VAL A 75 -5.36 -11.53 4.87
CA VAL A 75 -5.66 -10.47 5.82
C VAL A 75 -5.30 -10.74 7.28
N HIS A 76 -5.71 -11.89 7.80
CA HIS A 76 -5.43 -12.22 9.20
C HIS A 76 -4.36 -13.28 9.40
N ILE A 77 -3.55 -13.07 10.42
CA ILE A 77 -2.50 -14.00 10.79
C ILE A 77 -2.49 -14.00 12.31
N PRO A 78 -2.92 -15.12 12.92
CA PRO A 78 -2.93 -15.17 14.39
C PRO A 78 -1.52 -15.17 14.98
N ILE A 79 -1.39 -14.63 16.18
CA ILE A 79 -0.11 -14.57 16.86
C ILE A 79 0.44 -15.99 16.96
N GLY A 80 1.76 -16.13 16.92
CA GLY A 80 2.38 -17.43 17.03
C GLY A 80 2.25 -18.29 15.78
N LYS A 81 1.58 -17.77 14.75
CA LYS A 81 1.40 -18.53 13.52
C LYS A 81 2.14 -17.97 12.30
N GLY A 82 2.82 -18.86 11.57
CA GLY A 82 3.56 -18.45 10.39
C GLY A 82 4.85 -17.72 10.73
N VAL A 83 5.42 -17.03 9.77
CA VAL A 83 6.65 -16.30 10.02
C VAL A 83 6.30 -15.01 10.78
N CYS A 84 5.21 -14.36 10.38
CA CYS A 84 4.78 -13.12 11.01
C CYS A 84 4.27 -13.32 12.45
N GLY A 85 3.39 -14.29 12.64
CA GLY A 85 2.88 -14.54 13.98
C GLY A 85 3.99 -14.92 14.94
N THR A 86 4.99 -15.65 14.45
CA THR A 86 6.10 -16.05 15.30
C THR A 86 6.94 -14.86 15.75
N ALA A 87 7.08 -13.86 14.89
CA ALA A 87 7.87 -12.68 15.21
C ALA A 87 7.24 -11.95 16.39
N VAL A 88 5.91 -11.99 16.47
CA VAL A 88 5.24 -11.31 17.57
C VAL A 88 5.28 -12.17 18.84
N SER A 89 4.89 -13.44 18.71
CA SER A 89 4.89 -14.33 19.87
C SER A 89 6.27 -14.40 20.50
N GLU A 90 7.31 -14.25 19.69
CA GLU A 90 8.68 -14.27 20.19
C GLU A 90 9.27 -12.87 20.30
N ARG A 91 8.54 -11.88 19.78
CA ARG A 91 8.97 -10.49 19.77
C ARG A 91 10.44 -10.29 19.44
N ARG A 92 10.85 -10.86 18.31
CA ARG A 92 12.20 -10.75 17.83
C ARG A 92 12.18 -10.97 16.32
N THR A 93 13.11 -10.35 15.62
CA THR A 93 13.19 -10.46 14.18
C THR A 93 13.29 -11.92 13.72
N GLN A 94 12.63 -12.22 12.60
CA GLN A 94 12.62 -13.56 12.05
C GLN A 94 13.19 -13.57 10.65
N VAL A 95 14.29 -14.29 10.45
CA VAL A 95 14.87 -14.40 9.11
C VAL A 95 14.80 -15.86 8.67
N VAL A 96 14.12 -16.12 7.56
CA VAL A 96 14.00 -17.49 7.04
C VAL A 96 14.70 -17.56 5.68
N ALA A 97 15.77 -18.36 5.62
CA ALA A 97 16.56 -18.52 4.40
C ALA A 97 15.81 -19.28 3.31
N ASP A 98 14.98 -20.24 3.72
CA ASP A 98 14.19 -21.02 2.78
C ASP A 98 12.79 -21.27 3.33
N VAL A 99 11.90 -20.32 3.06
CA VAL A 99 10.52 -20.34 3.51
C VAL A 99 9.82 -21.68 3.33
N HIS A 100 10.24 -22.46 2.35
CA HIS A 100 9.62 -23.75 2.10
C HIS A 100 9.71 -24.69 3.29
N GLN A 101 10.93 -25.04 3.70
CA GLN A 101 11.12 -25.93 4.83
C GLN A 101 10.48 -25.44 6.13
N PHE A 102 9.97 -24.20 6.11
CA PHE A 102 9.30 -23.63 7.27
C PHE A 102 7.82 -24.02 7.15
N LYS A 103 7.20 -24.37 8.27
CA LYS A 103 5.79 -24.80 8.28
C LYS A 103 5.46 -25.74 7.11
N GLY A 104 4.29 -25.52 6.50
CA GLY A 104 3.88 -26.36 5.39
C GLY A 104 4.18 -25.79 4.01
N HIS A 105 4.25 -26.68 3.02
CA HIS A 105 4.54 -26.30 1.64
C HIS A 105 3.28 -26.36 0.78
N ILE A 106 2.24 -25.63 1.18
CA ILE A 106 0.99 -25.60 0.42
C ILE A 106 1.02 -24.56 -0.70
N ALA A 107 -0.15 -24.06 -1.09
CA ALA A 107 -0.26 -23.07 -2.15
C ALA A 107 0.46 -21.74 -1.85
N CYS A 108 1.24 -21.73 -0.78
CA CYS A 108 1.97 -20.55 -0.35
C CYS A 108 3.42 -20.52 -0.87
N ASP A 109 3.82 -21.59 -1.54
CA ASP A 109 5.18 -21.70 -2.08
C ASP A 109 5.38 -20.95 -3.40
N ALA A 110 4.53 -19.96 -3.65
CA ALA A 110 4.61 -19.15 -4.87
C ALA A 110 5.97 -18.50 -5.08
N ASN A 111 5.97 -17.18 -5.24
CA ASN A 111 7.21 -16.44 -5.45
C ASN A 111 7.99 -16.21 -4.17
N SER A 112 7.53 -16.80 -3.07
CA SER A 112 8.24 -16.62 -1.81
C SER A 112 9.22 -17.76 -1.56
N LYS A 113 10.49 -17.43 -1.52
CA LYS A 113 11.54 -18.41 -1.28
C LYS A 113 12.19 -18.14 0.06
N SER A 114 12.41 -16.86 0.36
CA SER A 114 13.00 -16.44 1.63
C SER A 114 12.15 -15.27 2.12
N GLU A 115 12.33 -14.87 3.37
CA GLU A 115 11.52 -13.80 3.95
C GLU A 115 12.14 -13.23 5.21
N ILE A 116 11.77 -12.00 5.55
CA ILE A 116 12.27 -11.36 6.75
C ILE A 116 11.14 -10.60 7.44
N VAL A 117 10.95 -10.87 8.72
CA VAL A 117 9.91 -10.18 9.46
C VAL A 117 10.51 -9.47 10.67
N VAL A 118 10.15 -8.20 10.82
CA VAL A 118 10.65 -7.41 11.93
C VAL A 118 9.52 -6.77 12.70
N PRO A 119 9.36 -7.16 13.97
CA PRO A 119 8.31 -6.61 14.85
C PRO A 119 8.51 -5.12 15.10
N ILE A 120 7.41 -4.36 15.10
CA ILE A 120 7.43 -2.92 15.35
C ILE A 120 6.94 -2.62 16.76
N PHE A 121 7.79 -2.00 17.58
CA PHE A 121 7.44 -1.67 18.96
C PHE A 121 7.13 -0.19 19.22
N LYS A 122 6.23 0.04 20.16
CA LYS A 122 5.86 1.38 20.59
C LYS A 122 5.76 1.33 22.11
N ASP A 123 6.63 2.08 22.77
CA ASP A 123 6.68 2.13 24.22
C ASP A 123 6.54 0.75 24.83
N ASP A 124 7.42 -0.18 24.47
CA ASP A 124 7.38 -1.52 25.06
C ASP A 124 6.33 -2.51 24.55
N LYS A 125 5.48 -2.10 23.61
CA LYS A 125 4.50 -3.04 23.08
C LYS A 125 4.58 -3.14 21.55
N ILE A 126 4.21 -4.29 21.00
CA ILE A 126 4.25 -4.50 19.56
C ILE A 126 3.00 -3.99 18.85
N ILE A 127 3.20 -3.12 17.87
CA ILE A 127 2.06 -2.57 17.13
C ILE A 127 1.90 -3.20 15.74
N GLY A 128 2.90 -3.98 15.33
CA GLY A 128 2.83 -4.60 14.03
C GLY A 128 4.16 -5.22 13.62
N VAL A 129 4.30 -5.48 12.33
CA VAL A 129 5.53 -6.07 11.83
C VAL A 129 5.77 -5.65 10.39
N LEU A 130 7.04 -5.57 10.13
CA LEU A 130 7.46 -5.32 8.75
C LEU A 130 7.71 -6.65 8.35
N ASP A 131 7.25 -6.94 6.97
CA ASP A 131 7.37 -8.25 6.37
C ASP A 131 7.96 -8.22 4.96
N ILE A 132 8.98 -8.90 4.37
CA ILE A 132 9.43 -8.80 3.15
C ILE A 132 9.73 -10.20 2.55
N ASP A 133 9.08 -10.43 1.40
CA ASP A 133 9.23 -11.69 0.66
C ASP A 133 10.24 -11.51 -0.48
N ALA A 134 10.91 -12.61 -0.85
CA ALA A 134 11.89 -12.60 -1.93
C ALA A 134 11.68 -13.82 -2.85
N PRO A 135 11.81 -13.63 -4.18
CA PRO A 135 11.62 -14.75 -5.11
C PRO A 135 12.79 -15.74 -5.16
N ILE A 136 13.83 -15.47 -4.38
CA ILE A 136 15.00 -16.34 -4.32
C ILE A 136 15.31 -16.68 -2.86
N THR A 137 16.10 -17.74 -2.65
CA THR A 137 16.47 -18.17 -1.30
C THR A 137 17.67 -17.42 -0.72
N ASP A 138 17.71 -17.31 0.60
CA ASP A 138 18.82 -16.62 1.29
C ASP A 138 18.97 -15.14 0.92
N ARG A 139 17.86 -14.51 0.56
CA ARG A 139 17.86 -13.11 0.16
C ARG A 139 18.40 -12.11 1.18
N PHE A 140 18.17 -12.37 2.46
CA PHE A 140 18.58 -11.46 3.52
C PHE A 140 19.66 -11.98 4.45
N ASP A 141 20.82 -11.34 4.44
CA ASP A 141 21.90 -11.74 5.32
C ASP A 141 21.90 -10.82 6.56
N ASP A 142 22.72 -11.15 7.54
CA ASP A 142 22.80 -10.37 8.76
C ASP A 142 22.89 -8.88 8.53
N ASN A 143 23.52 -8.48 7.43
CA ASN A 143 23.67 -7.06 7.13
C ASN A 143 22.33 -6.45 6.76
N ASP A 144 21.55 -7.14 5.91
CA ASP A 144 20.23 -6.67 5.50
C ASP A 144 19.34 -6.46 6.72
N LYS A 145 19.32 -7.46 7.59
CA LYS A 145 18.53 -7.44 8.81
C LYS A 145 18.83 -6.20 9.69
N GLU A 146 20.10 -6.02 10.04
CA GLU A 146 20.51 -4.90 10.86
C GLU A 146 20.07 -3.54 10.32
N HIS A 147 20.31 -3.29 9.04
CA HIS A 147 19.91 -2.04 8.45
C HIS A 147 18.40 -1.95 8.37
N LEU A 148 17.74 -3.09 8.13
CA LEU A 148 16.29 -3.11 8.06
C LEU A 148 15.71 -2.83 9.43
N GLU A 149 16.37 -3.35 10.46
CA GLU A 149 15.93 -3.09 11.82
C GLU A 149 16.17 -1.60 12.08
N ALA A 150 17.24 -1.08 11.48
CA ALA A 150 17.56 0.34 11.58
C ALA A 150 16.41 1.15 10.97
N ILE A 151 15.89 0.66 9.85
CA ILE A 151 14.77 1.32 9.16
C ILE A 151 13.55 1.31 10.07
N VAL A 152 13.35 0.19 10.77
CA VAL A 152 12.23 0.04 11.69
C VAL A 152 12.39 1.05 12.81
N LYS A 153 13.60 1.21 13.32
CA LYS A 153 13.88 2.15 14.37
C LYS A 153 13.47 3.56 13.94
N ILE A 154 13.81 3.92 12.71
CA ILE A 154 13.48 5.24 12.20
C ILE A 154 11.95 5.41 12.22
N ILE A 155 11.24 4.33 11.88
CA ILE A 155 9.80 4.36 11.87
C ILE A 155 9.27 4.43 13.31
N GLU A 156 9.83 3.61 14.19
CA GLU A 156 9.40 3.60 15.59
C GLU A 156 9.61 4.97 16.24
N LYS A 157 10.60 5.72 15.77
CA LYS A 157 10.89 7.03 16.34
C LYS A 157 9.72 7.96 16.03
N GLN A 158 9.19 7.82 14.82
CA GLN A 158 8.07 8.63 14.37
C GLN A 158 6.73 8.25 15.00
N LEU A 159 6.58 6.99 15.38
CA LEU A 159 5.34 6.54 16.00
C LEU A 159 5.39 6.70 17.50
N ALA A 160 6.60 6.92 18.00
CA ALA A 160 6.83 7.08 19.42
C ALA A 160 5.99 8.22 19.98
N THR B 8 2.54 -0.52 -26.21
CA THR B 8 2.19 0.92 -25.98
C THR B 8 0.69 1.16 -26.16
N THR B 9 -0.03 0.11 -26.53
CA THR B 9 -1.48 0.20 -26.73
C THR B 9 -2.21 -0.22 -25.46
N ILE B 10 -2.95 0.71 -24.86
CA ILE B 10 -3.69 0.44 -23.64
C ILE B 10 -4.55 -0.82 -23.78
N ASN B 11 -4.07 -1.93 -23.23
CA ASN B 11 -4.84 -3.18 -23.27
C ASN B 11 -6.02 -3.07 -22.32
N PRO B 12 -7.25 -3.18 -22.85
CA PRO B 12 -8.53 -3.09 -22.14
C PRO B 12 -8.59 -3.83 -20.80
N THR B 13 -9.45 -3.31 -19.93
CA THR B 13 -9.62 -3.89 -18.60
C THR B 13 -11.04 -4.45 -18.55
N ASN B 14 -11.15 -5.74 -18.21
CA ASN B 14 -12.46 -6.39 -18.13
C ASN B 14 -13.16 -6.07 -16.82
N TYR B 15 -13.59 -4.82 -16.68
CA TYR B 15 -14.26 -4.38 -15.47
C TYR B 15 -15.22 -5.41 -14.89
N THR B 16 -15.90 -6.14 -15.77
CA THR B 16 -16.85 -7.16 -15.34
C THR B 16 -16.20 -8.09 -14.35
N LEU B 17 -15.10 -8.69 -14.79
CA LEU B 17 -14.33 -9.62 -13.97
C LEU B 17 -13.78 -8.86 -12.76
N LEU B 18 -13.28 -7.64 -13.00
CA LEU B 18 -12.73 -6.81 -11.95
C LEU B 18 -13.69 -6.63 -10.78
N LYS B 19 -14.94 -6.27 -11.06
CA LYS B 19 -15.91 -6.09 -9.99
C LYS B 19 -16.20 -7.43 -9.31
N LYS B 20 -16.02 -8.51 -10.06
CA LYS B 20 -16.26 -9.84 -9.53
C LYS B 20 -15.09 -10.22 -8.63
N GLN B 21 -13.88 -9.94 -9.09
CA GLN B 21 -12.67 -10.22 -8.34
C GLN B 21 -12.64 -9.35 -7.09
N ALA B 22 -13.11 -8.11 -7.22
CA ALA B 22 -13.13 -7.19 -6.10
C ALA B 22 -14.04 -7.64 -4.95
N ALA B 23 -15.29 -7.94 -5.29
CA ALA B 23 -16.27 -8.37 -4.29
C ALA B 23 -15.81 -9.66 -3.60
N SER B 24 -15.37 -10.61 -4.40
CA SER B 24 -14.91 -11.88 -3.87
C SER B 24 -13.77 -11.60 -2.90
N LEU B 25 -12.84 -10.76 -3.34
CA LEU B 25 -11.66 -10.39 -2.57
C LEU B 25 -11.89 -9.82 -1.17
N ILE B 26 -12.88 -8.96 -1.01
CA ILE B 26 -13.12 -8.35 0.29
C ILE B 26 -14.35 -8.86 1.05
N GLU B 27 -14.90 -9.96 0.58
CA GLU B 27 -16.07 -10.56 1.22
C GLU B 27 -15.67 -10.94 2.65
N ASP B 28 -16.58 -10.75 3.60
CA ASP B 28 -16.33 -11.09 4.99
C ASP B 28 -15.31 -10.22 5.72
N GLU B 29 -14.77 -9.21 5.05
CA GLU B 29 -13.79 -8.33 5.68
C GLU B 29 -14.46 -7.01 5.99
N HIS B 30 -14.16 -6.43 7.14
CA HIS B 30 -14.76 -5.16 7.51
C HIS B 30 -13.73 -4.14 7.97
N HIS B 31 -12.49 -4.57 8.06
CA HIS B 31 -11.39 -3.70 8.48
C HIS B 31 -10.97 -2.84 7.29
N MET B 32 -11.22 -1.54 7.39
CA MET B 32 -10.93 -0.61 6.31
C MET B 32 -9.54 -0.65 5.65
N ILE B 33 -8.48 -0.53 6.45
CA ILE B 33 -7.12 -0.54 5.91
C ILE B 33 -6.76 -1.80 5.14
N ALA B 34 -7.16 -2.96 5.65
CA ALA B 34 -6.86 -4.20 4.96
C ALA B 34 -7.57 -4.15 3.60
N ILE B 35 -8.86 -3.83 3.62
CA ILE B 35 -9.66 -3.75 2.40
C ILE B 35 -9.01 -2.79 1.41
N LEU B 36 -8.66 -1.60 1.88
CA LEU B 36 -8.03 -0.61 1.01
C LEU B 36 -6.72 -1.12 0.44
N SER B 37 -5.88 -1.68 1.30
CA SER B 37 -4.59 -2.22 0.86
C SER B 37 -4.76 -3.26 -0.25
N ASN B 38 -5.53 -4.32 0.02
CA ASN B 38 -5.74 -5.35 -0.98
C ASN B 38 -6.41 -4.82 -2.26
N MET B 39 -7.30 -3.85 -2.13
CA MET B 39 -7.96 -3.28 -3.29
C MET B 39 -6.96 -2.50 -4.15
N SER B 40 -6.11 -1.69 -3.53
CA SER B 40 -5.15 -0.92 -4.31
C SER B 40 -4.29 -1.89 -5.14
N ALA B 41 -3.94 -3.02 -4.53
CA ALA B 41 -3.14 -4.03 -5.19
C ALA B 41 -3.94 -4.65 -6.33
N LEU B 42 -5.19 -5.02 -6.04
CA LEU B 42 -6.06 -5.62 -7.05
C LEU B 42 -6.18 -4.69 -8.27
N LEU B 43 -6.54 -3.44 -8.04
CA LEU B 43 -6.66 -2.46 -9.11
C LEU B 43 -5.33 -2.37 -9.86
N ASN B 44 -4.24 -2.35 -9.12
CA ASN B 44 -2.93 -2.26 -9.74
C ASN B 44 -2.62 -3.46 -10.64
N ASP B 45 -3.19 -4.61 -10.33
CA ASP B 45 -2.95 -5.81 -11.13
C ASP B 45 -3.86 -5.92 -12.36
N ASN B 46 -4.93 -5.14 -12.41
CA ASN B 46 -5.85 -5.21 -13.54
C ASN B 46 -6.11 -3.90 -14.27
N LEU B 47 -5.20 -2.95 -14.15
CA LEU B 47 -5.35 -1.65 -14.84
C LEU B 47 -4.05 -1.35 -15.53
N ASP B 48 -4.08 -1.41 -16.86
CA ASP B 48 -2.89 -1.15 -17.65
C ASP B 48 -2.65 0.34 -17.85
N GLN B 49 -1.41 0.70 -18.08
CA GLN B 49 -1.03 2.08 -18.34
C GLN B 49 -1.48 3.09 -17.26
N ILE B 50 -0.93 2.92 -16.06
CA ILE B 50 -1.20 3.81 -14.92
C ILE B 50 0.08 3.80 -14.10
N ASN B 51 0.29 4.78 -13.24
CA ASN B 51 1.51 4.76 -12.44
C ASN B 51 1.31 4.91 -10.95
N TRP B 52 0.04 4.97 -10.52
CA TRP B 52 -0.28 5.10 -9.11
C TRP B 52 -1.78 4.84 -8.89
N VAL B 53 -2.10 4.05 -7.86
CA VAL B 53 -3.49 3.75 -7.51
C VAL B 53 -3.52 3.55 -5.98
N GLY B 54 -4.32 4.37 -5.31
CA GLY B 54 -4.40 4.30 -3.88
C GLY B 54 -5.58 5.01 -3.25
N PHE B 55 -5.45 5.30 -1.96
CA PHE B 55 -6.51 5.94 -1.21
C PHE B 55 -6.02 7.02 -0.26
N TYR B 56 -6.84 8.06 -0.08
CA TYR B 56 -6.54 9.11 0.89
C TYR B 56 -7.72 9.02 1.83
N LEU B 57 -7.49 9.28 3.11
CA LEU B 57 -8.58 9.21 4.07
C LEU B 57 -8.88 10.60 4.59
N LEU B 58 -10.16 10.90 4.81
CA LEU B 58 -10.59 12.20 5.32
C LEU B 58 -10.44 12.13 6.84
N GLU B 59 -9.49 12.88 7.38
CA GLU B 59 -9.27 12.88 8.81
C GLU B 59 -8.90 14.28 9.26
N GLN B 60 -9.47 14.71 10.37
CA GLN B 60 -9.20 16.03 10.91
C GLN B 60 -9.32 17.09 9.82
N ASN B 61 -10.42 17.04 9.08
CA ASN B 61 -10.74 17.99 8.02
C ASN B 61 -9.66 18.15 6.93
N GLU B 62 -9.21 17.04 6.38
CA GLU B 62 -8.22 17.03 5.31
C GLU B 62 -7.97 15.59 4.85
N LEU B 63 -7.33 15.46 3.70
CA LEU B 63 -7.00 14.15 3.14
C LEU B 63 -5.60 13.74 3.55
N ILE B 64 -5.48 12.53 4.07
CA ILE B 64 -4.20 11.98 4.51
C ILE B 64 -4.00 10.63 3.83
N LEU B 65 -2.81 10.44 3.28
CA LEU B 65 -2.45 9.24 2.53
C LEU B 65 -2.74 7.87 3.17
N GLY B 66 -3.46 7.04 2.43
CA GLY B 66 -3.78 5.70 2.89
C GLY B 66 -3.02 4.70 2.04
N PRO B 67 -3.39 3.40 2.08
CA PRO B 67 -2.73 2.35 1.30
C PRO B 67 -2.67 2.64 -0.21
N PHE B 68 -1.61 2.20 -0.87
CA PHE B 68 -1.48 2.45 -2.31
C PHE B 68 -0.39 1.62 -2.99
N GLN B 69 -0.39 1.60 -4.31
CA GLN B 69 0.64 0.88 -5.08
C GLN B 69 1.33 1.92 -5.97
N GLY B 70 2.64 2.07 -5.83
CA GLY B 70 3.36 3.01 -6.65
C GLY B 70 4.53 3.61 -5.89
N HIS B 71 4.99 4.78 -6.30
CA HIS B 71 6.09 5.44 -5.62
C HIS B 71 5.53 6.31 -4.50
N PRO B 72 6.37 6.75 -3.56
CA PRO B 72 5.90 7.58 -2.45
C PRO B 72 5.12 8.81 -2.94
N ALA B 73 4.16 9.26 -2.15
CA ALA B 73 3.33 10.41 -2.51
C ALA B 73 3.08 11.33 -1.34
N SER B 74 2.52 12.51 -1.64
CA SER B 74 2.18 13.52 -0.64
C SER B 74 1.21 12.95 0.37
N VAL B 75 1.46 13.25 1.63
CA VAL B 75 0.61 12.75 2.70
C VAL B 75 -0.61 13.60 2.99
N HIS B 76 -0.46 14.93 2.90
CA HIS B 76 -1.60 15.80 3.16
C HIS B 76 -2.08 16.55 1.93
N ILE B 77 -3.39 16.51 1.71
CA ILE B 77 -4.01 17.21 0.59
C ILE B 77 -5.19 17.97 1.17
N PRO B 78 -5.10 19.31 1.25
CA PRO B 78 -6.25 20.04 1.79
C PRO B 78 -7.50 19.94 0.91
N ILE B 79 -8.66 20.03 1.55
CA ILE B 79 -9.96 19.97 0.87
C ILE B 79 -10.07 21.10 -0.14
N GLY B 80 -10.62 20.80 -1.32
CA GLY B 80 -10.78 21.80 -2.35
C GLY B 80 -9.50 22.09 -3.12
N LYS B 81 -8.42 21.41 -2.77
CA LYS B 81 -7.15 21.60 -3.47
C LYS B 81 -6.78 20.34 -4.26
N GLY B 82 -6.44 20.52 -5.53
CA GLY B 82 -6.06 19.39 -6.36
C GLY B 82 -7.23 18.58 -6.86
N VAL B 83 -6.94 17.45 -7.48
CA VAL B 83 -8.00 16.58 -8.00
C VAL B 83 -8.68 15.82 -6.85
N CYS B 84 -7.90 15.43 -5.85
CA CYS B 84 -8.45 14.71 -4.71
C CYS B 84 -9.27 15.65 -3.83
N GLY B 85 -8.65 16.77 -3.46
CA GLY B 85 -9.33 17.75 -2.64
C GLY B 85 -10.60 18.23 -3.31
N THR B 86 -10.58 18.28 -4.64
CA THR B 86 -11.76 18.72 -5.39
C THR B 86 -12.88 17.68 -5.39
N ALA B 87 -12.52 16.40 -5.39
CA ALA B 87 -13.53 15.35 -5.38
C ALA B 87 -14.28 15.40 -4.05
N VAL B 88 -13.61 15.81 -2.98
CA VAL B 88 -14.28 15.88 -1.69
C VAL B 88 -15.12 17.15 -1.54
N SER B 89 -14.53 18.30 -1.84
CA SER B 89 -15.26 19.56 -1.73
C SER B 89 -16.52 19.57 -2.60
N GLU B 90 -16.53 18.76 -3.65
CA GLU B 90 -17.69 18.69 -4.53
C GLU B 90 -18.37 17.34 -4.47
N ARG B 91 -17.81 16.46 -3.64
CA ARG B 91 -18.30 15.11 -3.42
C ARG B 91 -18.87 14.42 -4.64
N ARG B 92 -18.07 14.46 -5.70
CA ARG B 92 -18.43 13.82 -6.96
C ARG B 92 -17.13 13.36 -7.61
N THR B 93 -17.19 12.32 -8.44
CA THR B 93 -16.00 11.83 -9.11
C THR B 93 -15.37 12.89 -9.99
N GLN B 94 -14.04 12.90 -10.05
CA GLN B 94 -13.32 13.86 -10.85
C GLN B 94 -12.52 13.15 -11.93
N VAL B 95 -12.98 13.24 -13.18
CA VAL B 95 -12.28 12.61 -14.28
C VAL B 95 -11.48 13.70 -15.01
N VAL B 96 -10.16 13.67 -14.87
CA VAL B 96 -9.28 14.69 -15.45
C VAL B 96 -8.42 14.20 -16.63
N ALA B 97 -8.82 14.57 -17.84
CA ALA B 97 -8.14 14.18 -19.08
C ALA B 97 -6.73 14.73 -19.21
N ASP B 98 -6.53 15.95 -18.72
CA ASP B 98 -5.24 16.62 -18.78
C ASP B 98 -4.92 17.27 -17.43
N VAL B 99 -4.27 16.49 -16.56
CA VAL B 99 -3.89 16.93 -15.23
C VAL B 99 -3.04 18.19 -15.26
N HIS B 100 -2.35 18.42 -16.37
CA HIS B 100 -1.50 19.59 -16.49
C HIS B 100 -2.23 20.93 -16.49
N GLN B 101 -3.18 21.14 -17.38
CA GLN B 101 -3.87 22.41 -17.38
C GLN B 101 -4.80 22.54 -16.16
N PHE B 102 -4.79 21.49 -15.34
CA PHE B 102 -5.58 21.47 -14.11
C PHE B 102 -4.58 22.01 -13.07
N LYS B 103 -4.86 23.19 -12.54
CA LYS B 103 -3.97 23.82 -11.58
C LYS B 103 -2.58 23.98 -12.22
N GLY B 104 -1.63 24.43 -11.42
CA GLY B 104 -0.27 24.64 -11.91
C GLY B 104 0.38 23.49 -12.67
N HIS B 105 1.60 23.75 -13.15
CA HIS B 105 2.38 22.77 -13.90
C HIS B 105 3.74 22.63 -13.23
N ILE B 106 3.75 22.64 -11.89
CA ILE B 106 4.97 22.54 -11.11
C ILE B 106 5.64 21.15 -11.12
N ALA B 107 6.55 20.95 -10.17
CA ALA B 107 7.29 19.70 -10.04
C ALA B 107 6.45 18.43 -9.97
N CYS B 108 5.13 18.59 -9.99
CA CYS B 108 4.23 17.44 -9.93
C CYS B 108 3.85 16.92 -11.32
N ASP B 109 4.55 17.40 -12.34
CA ASP B 109 4.28 17.00 -13.72
C ASP B 109 4.99 15.69 -14.11
N ALA B 110 5.21 14.83 -13.12
CA ALA B 110 5.86 13.54 -13.34
C ALA B 110 5.15 12.72 -14.42
N ASN B 111 4.89 11.46 -14.09
CA ASN B 111 4.20 10.56 -15.01
C ASN B 111 2.70 10.62 -14.86
N SER B 112 2.17 11.75 -14.41
CA SER B 112 0.72 11.88 -14.25
C SER B 112 0.20 12.89 -15.25
N LYS B 113 -0.28 12.39 -16.38
CA LYS B 113 -0.83 13.23 -17.45
C LYS B 113 -2.33 13.36 -17.27
N SER B 114 -3.00 12.25 -16.98
CA SER B 114 -4.44 12.25 -16.75
C SER B 114 -4.66 11.63 -15.36
N GLU B 115 -5.89 11.66 -14.86
CA GLU B 115 -6.15 11.13 -13.53
C GLU B 115 -7.65 11.06 -13.20
N ILE B 116 -8.01 10.21 -12.26
CA ILE B 116 -9.40 10.05 -11.85
C ILE B 116 -9.51 9.84 -10.34
N VAL B 117 -10.43 10.56 -9.69
CA VAL B 117 -10.62 10.40 -8.25
C VAL B 117 -12.08 10.15 -7.92
N VAL B 118 -12.34 9.07 -7.18
CA VAL B 118 -13.70 8.72 -6.81
C VAL B 118 -13.93 8.81 -5.31
N PRO B 119 -14.83 9.72 -4.87
CA PRO B 119 -15.08 9.83 -3.44
C PRO B 119 -15.68 8.54 -2.89
N ILE B 120 -15.43 8.27 -1.61
CA ILE B 120 -15.95 7.09 -0.93
C ILE B 120 -16.83 7.62 0.18
N PHE B 121 -18.02 7.07 0.32
CA PHE B 121 -18.94 7.53 1.35
C PHE B 121 -19.39 6.41 2.29
N LYS B 122 -19.72 6.81 3.51
CA LYS B 122 -20.27 5.91 4.51
C LYS B 122 -21.39 6.70 5.13
N ASP B 123 -22.61 6.26 4.89
CA ASP B 123 -23.79 6.92 5.41
C ASP B 123 -23.84 8.36 4.88
N ASP B 124 -23.53 8.48 3.59
CA ASP B 124 -23.55 9.74 2.86
C ASP B 124 -22.42 10.70 3.15
N LYS B 125 -21.57 10.37 4.11
CA LYS B 125 -20.45 11.23 4.43
C LYS B 125 -19.16 10.73 3.80
N ILE B 126 -18.33 11.68 3.37
CA ILE B 126 -17.05 11.37 2.74
C ILE B 126 -16.03 10.85 3.75
N ILE B 127 -15.54 9.64 3.54
CA ILE B 127 -14.57 9.06 4.46
C ILE B 127 -13.20 8.96 3.78
N GLY B 128 -13.17 9.14 2.46
CA GLY B 128 -11.93 9.10 1.72
C GLY B 128 -12.16 9.14 0.22
N VAL B 129 -11.11 8.90 -0.56
CA VAL B 129 -11.23 8.89 -2.01
C VAL B 129 -10.29 7.86 -2.61
N LEU B 130 -10.60 7.45 -3.84
CA LEU B 130 -9.80 6.51 -4.59
C LEU B 130 -9.06 7.38 -5.61
N ASP B 131 -7.75 7.23 -5.71
CA ASP B 131 -6.98 8.04 -6.62
C ASP B 131 -6.10 7.22 -7.55
N ILE B 132 -6.23 7.44 -8.86
CA ILE B 132 -5.43 6.70 -9.84
C ILE B 132 -4.75 7.60 -10.89
N ASP B 133 -3.44 7.44 -11.02
CA ASP B 133 -2.64 8.23 -11.96
C ASP B 133 -2.29 7.45 -13.23
N ALA B 134 -2.04 8.18 -14.32
CA ALA B 134 -1.67 7.56 -15.59
C ALA B 134 -0.63 8.42 -16.30
N PRO B 135 0.40 7.80 -16.89
CA PRO B 135 1.45 8.56 -17.60
C PRO B 135 1.05 9.15 -18.95
N ILE B 136 -0.24 9.05 -19.27
CA ILE B 136 -0.75 9.57 -20.52
C ILE B 136 -2.02 10.39 -20.27
N THR B 137 -2.43 11.15 -21.28
CA THR B 137 -3.62 11.97 -21.21
C THR B 137 -4.85 11.17 -21.66
N ASP B 138 -6.03 11.59 -21.23
CA ASP B 138 -7.28 10.92 -21.58
C ASP B 138 -7.34 9.45 -21.24
N ARG B 139 -6.54 9.03 -20.26
CA ARG B 139 -6.53 7.63 -19.86
C ARG B 139 -7.88 7.15 -19.34
N PHE B 140 -8.60 8.03 -18.67
CA PHE B 140 -9.89 7.67 -18.08
C PHE B 140 -11.07 8.41 -18.70
N ASP B 141 -12.14 7.67 -18.99
CA ASP B 141 -13.34 8.25 -19.57
C ASP B 141 -14.62 7.83 -18.82
N ASP B 142 -15.76 8.28 -19.32
CA ASP B 142 -17.06 7.97 -18.71
C ASP B 142 -17.24 6.52 -18.32
N ASN B 143 -16.75 5.64 -19.18
CA ASN B 143 -16.85 4.20 -18.93
C ASN B 143 -16.01 3.81 -17.73
N ASP B 144 -14.77 4.29 -17.67
CA ASP B 144 -13.90 3.97 -16.54
C ASP B 144 -14.63 4.47 -15.29
N LYS B 145 -15.10 5.71 -15.38
CA LYS B 145 -15.83 6.36 -14.30
C LYS B 145 -16.95 5.47 -13.76
N GLU B 146 -17.85 5.04 -14.64
CA GLU B 146 -18.97 4.19 -14.24
C GLU B 146 -18.51 2.99 -13.45
N HIS B 147 -17.67 2.17 -14.09
CA HIS B 147 -17.16 0.96 -13.51
C HIS B 147 -16.33 1.17 -12.24
N LEU B 148 -15.45 2.16 -12.26
CA LEU B 148 -14.65 2.45 -11.10
C LEU B 148 -15.55 2.85 -9.93
N GLU B 149 -16.67 3.50 -10.25
CA GLU B 149 -17.60 3.91 -9.21
C GLU B 149 -18.38 2.69 -8.69
N ALA B 150 -18.43 1.65 -9.49
CA ALA B 150 -19.12 0.44 -9.09
C ALA B 150 -18.24 -0.26 -8.07
N ILE B 151 -16.92 -0.13 -8.26
CA ILE B 151 -15.93 -0.73 -7.38
C ILE B 151 -15.99 -0.09 -5.99
N VAL B 152 -15.98 1.23 -5.98
CA VAL B 152 -16.05 1.97 -4.74
C VAL B 152 -17.32 1.54 -4.02
N LYS B 153 -18.32 1.16 -4.80
CA LYS B 153 -19.60 0.74 -4.22
C LYS B 153 -19.45 -0.63 -3.55
N ILE B 154 -18.65 -1.49 -4.16
CA ILE B 154 -18.40 -2.81 -3.61
C ILE B 154 -17.63 -2.58 -2.31
N ILE B 155 -16.75 -1.57 -2.32
CA ILE B 155 -15.96 -1.29 -1.13
C ILE B 155 -16.87 -0.70 -0.06
N GLU B 156 -17.69 0.28 -0.45
CA GLU B 156 -18.61 0.93 0.48
C GLU B 156 -19.50 -0.08 1.20
N LYS B 157 -19.91 -1.12 0.49
CA LYS B 157 -20.76 -2.16 1.10
C LYS B 157 -20.09 -2.86 2.28
N GLN B 158 -18.78 -3.11 2.19
CA GLN B 158 -18.05 -3.79 3.25
C GLN B 158 -17.70 -2.90 4.43
N LEU B 159 -17.72 -1.58 4.21
CA LEU B 159 -17.39 -0.64 5.26
C LEU B 159 -18.66 -0.07 5.89
N ALA B 160 -19.77 -0.19 5.17
CA ALA B 160 -21.05 0.32 5.64
C ALA B 160 -21.38 -0.29 7.00
N SME C . 4.77 -13.13 4.03
CA SME C . 3.38 -13.35 4.14
CB SME C . 2.80 -12.93 5.49
CG SME C . 3.45 -13.64 6.68
S SME C . 3.16 -15.44 6.78
OE SME C . 3.74 -16.92 6.37
CE SME C . 2.96 -15.65 8.54
C SME C . 3.07 -12.27 3.10
O SME C . 3.95 -12.06 2.23
OXT SME C . 1.99 -11.66 3.21
N SME D . -2.44 11.76 -7.99
CA SME D . -1.63 12.32 -6.90
CB SME D . -2.47 13.34 -6.11
CG SME D . -3.03 14.39 -7.06
S SME D . -3.75 15.87 -6.26
OE SME D . -4.67 16.55 -7.22
CE SME D . -4.72 15.15 -4.94
C SME D . -1.18 11.19 -5.97
O SME D . -0.79 10.13 -6.51
OXT SME D . -1.24 11.41 -4.74
#